data_3HGI
#
_entry.id   3HGI
#
_cell.length_a   89.794
_cell.length_b   38.118
_cell.length_c   76.065
_cell.angle_alpha   90.00
_cell.angle_beta   94.21
_cell.angle_gamma   90.00
#
_symmetry.space_group_name_H-M   'C 1 2 1'
#
loop_
_entity.id
_entity.type
_entity.pdbx_description
1 polymer 'Catechol 1,2-dioxygenase'
2 non-polymer 'FE (III) ION'
3 non-polymer 'CARBONATE ION'
4 non-polymer '(4S,7R)-4-HYDROXY-N,N,N-TRIMETHYL-9-OXO-7-[(PALMITOYLOXY)METHYL]-3,5,8-TRIOXA-4-PHOSPHAHEXACOSAN-1-AMINIUM 4-OXIDE'
5 non-polymer 'BENZOIC ACID'
6 water water
#
_entity_poly.entity_id   1
_entity_poly.type   'polypeptide(L)'
_entity_poly.pdbx_seq_one_letter_code
;MTTTESPTAAGSGSAATDKFKAERATADTSPERLAAIAKDALGALNDVILKHGVTYPEYRVFKQWLIDVGEGGEWPLFLD
VFIEHSVEEVLARSRKGTMGSIEGPYYIENSPELPSKCTLPMREEDEKITPLVFSGQVTDLDGNGLAGAKVELWHADNDG
YYSQFAPHLPEWNLRGTIIADEEGRYEITTIQPAPYQIPTDGPTGQFIEAQNGHPWRPAHLHLIVSAPGKESVTTQLYFK
GGEWIDSDVASATKPELILDPKTGDDGKNYVTYNFVLDPA
;
_entity_poly.pdbx_strand_id   A
#
loop_
_chem_comp.id
_chem_comp.type
_chem_comp.name
_chem_comp.formula
6PL non-polymer '(4S,7R)-4-HYDROXY-N,N,N-TRIMETHYL-9-OXO-7-[(PALMITOYLOXY)METHYL]-3,5,8-TRIOXA-4-PHOSPHAHEXACOSAN-1-AMINIUM 4-OXIDE' 'C42 H85 N O8 P 1'
BEZ non-polymer 'BENZOIC ACID' 'C7 H6 O2'
CO3 non-polymer 'CARBONATE ION' 'C O3 -2'
FE non-polymer 'FE (III) ION' 'Fe 3'
#
# COMPACT_ATOMS: atom_id res chain seq x y z
N GLU A 23 20.79 10.86 2.78
CA GLU A 23 19.82 10.45 3.84
C GLU A 23 18.50 11.20 3.74
N ARG A 24 18.53 12.44 3.23
CA ARG A 24 17.30 13.22 3.07
C ARG A 24 16.85 13.19 1.63
N ALA A 25 15.53 13.15 1.42
CA ALA A 25 14.97 13.07 0.08
C ALA A 25 15.39 14.29 -0.77
N THR A 26 15.48 14.10 -2.06
CA THR A 26 15.86 15.16 -3.00
C THR A 26 15.09 15.01 -4.29
N ALA A 27 14.89 16.12 -5.00
CA ALA A 27 14.35 16.06 -6.35
C ALA A 27 14.98 17.16 -7.21
N ASP A 28 14.89 17.00 -8.52
CA ASP A 28 15.22 18.10 -9.39
C ASP A 28 13.92 18.62 -9.96
N THR A 29 13.52 19.72 -9.36
CA THR A 29 12.35 20.47 -9.68
C THR A 29 13.03 21.81 -9.76
N SER A 30 12.84 22.48 -10.88
CA SER A 30 13.43 23.79 -11.10
C SER A 30 12.70 24.86 -10.28
N PRO A 31 13.35 26.01 -10.02
CA PRO A 31 12.62 27.06 -9.31
C PRO A 31 11.32 27.47 -10.00
N GLU A 32 11.30 27.40 -11.32
CA GLU A 32 10.13 27.78 -12.14
C GLU A 32 8.96 26.79 -11.97
N ARG A 33 9.29 25.50 -11.96
CA ARG A 33 8.31 24.44 -11.84
C ARG A 33 7.68 24.50 -10.42
N LEU A 34 8.51 24.66 -9.39
CA LEU A 34 8.02 24.79 -8.01
C LEU A 34 7.17 26.05 -7.86
N ALA A 35 7.59 27.15 -8.51
CA ALA A 35 6.80 28.39 -8.48
C ALA A 35 5.41 28.15 -9.05
N ALA A 36 5.29 27.36 -10.13
CA ALA A 36 3.95 27.14 -10.71
C ALA A 36 3.12 26.20 -9.81
N ILE A 37 3.72 25.09 -9.35
CA ILE A 37 3.03 24.19 -8.41
C ILE A 37 2.51 24.94 -7.17
N ALA A 38 3.39 25.70 -6.53
CA ALA A 38 3.04 26.40 -5.28
C ALA A 38 1.91 27.38 -5.52
N LYS A 39 2.03 28.18 -6.58
CA LYS A 39 1.00 29.17 -6.89
C LYS A 39 -0.41 28.58 -6.98
N ASP A 40 -0.53 27.48 -7.73
CA ASP A 40 -1.80 26.74 -7.86
C ASP A 40 -2.28 26.11 -6.57
N ALA A 41 -1.35 25.52 -5.82
CA ALA A 41 -1.73 24.80 -4.63
C ALA A 41 -2.19 25.81 -3.58
N LEU A 42 -1.38 26.84 -3.34
CA LEU A 42 -1.83 27.91 -2.43
C LEU A 42 -3.14 28.57 -2.88
N GLY A 43 -3.26 28.91 -4.17
CA GLY A 43 -4.49 29.49 -4.73
C GLY A 43 -5.76 28.64 -4.54
N ALA A 44 -5.60 27.33 -4.70
CA ALA A 44 -6.71 26.41 -4.54
C ALA A 44 -7.21 26.39 -3.09
N LEU A 45 -6.29 26.30 -2.13
CA LEU A 45 -6.61 26.35 -0.71
C LEU A 45 -7.30 27.67 -0.30
N ASN A 46 -6.74 28.77 -0.77
CA ASN A 46 -7.34 30.08 -0.52
C ASN A 46 -8.76 30.21 -1.12
N ASP A 47 -8.95 29.64 -2.30
CA ASP A 47 -10.28 29.57 -2.92
C ASP A 47 -11.31 28.80 -2.11
N VAL A 48 -10.89 27.68 -1.50
CA VAL A 48 -11.76 26.91 -0.59
C VAL A 48 -12.20 27.72 0.64
N ILE A 49 -11.25 28.48 1.19
CA ILE A 49 -11.53 29.37 2.31
C ILE A 49 -12.58 30.40 1.90
N LEU A 50 -12.39 30.99 0.74
CA LEU A 50 -13.35 31.96 0.24
C LEU A 50 -14.68 31.35 -0.17
N LYS A 51 -14.68 30.14 -0.75
CA LYS A 51 -15.94 29.46 -1.11
C LYS A 51 -16.83 29.13 0.10
N HIS A 52 -16.21 28.60 1.16
CA HIS A 52 -16.98 28.15 2.33
C HIS A 52 -17.11 29.20 3.44
N GLY A 53 -16.53 30.37 3.25
CA GLY A 53 -16.55 31.39 4.32
C GLY A 53 -15.91 30.82 5.61
N VAL A 54 -14.80 30.12 5.48
CA VAL A 54 -14.01 29.69 6.67
C VAL A 54 -13.78 30.86 7.63
N THR A 55 -14.02 30.61 8.93
CA THR A 55 -14.04 31.62 9.98
C THR A 55 -12.71 31.64 10.79
N TYR A 56 -12.46 32.69 11.57
CA TYR A 56 -11.25 32.76 12.40
C TYR A 56 -11.16 31.66 13.46
N PRO A 57 -12.26 31.32 14.17
CA PRO A 57 -12.17 30.12 15.01
C PRO A 57 -11.87 28.82 14.29
N GLU A 58 -12.42 28.61 13.09
CA GLU A 58 -12.06 27.48 12.24
C GLU A 58 -10.54 27.49 11.86
N TYR A 59 -10.05 28.66 11.49
CA TYR A 59 -8.60 28.84 11.18
C TYR A 59 -7.73 28.42 12.39
N ARG A 60 -8.05 28.91 13.58
CA ARG A 60 -7.35 28.54 14.84
C ARG A 60 -7.37 27.04 15.11
N VAL A 61 -8.55 26.39 14.98
CA VAL A 61 -8.61 24.92 15.07
C VAL A 61 -7.66 24.22 14.04
N PHE A 62 -7.74 24.63 12.77
CA PHE A 62 -6.89 24.12 11.70
C PHE A 62 -5.37 24.29 12.00
N LYS A 63 -4.97 25.42 12.56
CA LYS A 63 -3.55 25.63 12.92
C LYS A 63 -3.10 24.67 14.03
N GLN A 64 -3.96 24.49 15.06
CA GLN A 64 -3.59 23.62 16.17
C GLN A 64 -3.53 22.18 15.68
N TRP A 65 -4.40 21.84 14.73
CA TRP A 65 -4.50 20.49 14.21
C TRP A 65 -3.24 20.12 13.40
N LEU A 66 -2.78 21.03 12.52
CA LEU A 66 -1.50 20.84 11.78
C LEU A 66 -0.31 20.60 12.72
N ILE A 67 -0.20 21.41 13.78
CA ILE A 67 0.80 21.15 14.85
C ILE A 67 0.68 19.76 15.55
N ASP A 68 -0.54 19.37 15.94
CA ASP A 68 -0.82 18.04 16.50
C ASP A 68 -0.41 16.91 15.54
N VAL A 69 -0.60 17.07 14.24
CA VAL A 69 -0.22 16.01 13.27
C VAL A 69 1.30 15.78 13.40
N GLY A 70 2.05 16.87 13.47
CA GLY A 70 3.53 16.77 13.53
C GLY A 70 3.99 16.19 14.86
N GLU A 71 3.46 16.74 15.95
CA GLU A 71 3.77 16.21 17.31
C GLU A 71 3.40 14.73 17.46
N GLY A 72 2.42 14.28 16.67
CA GLY A 72 1.96 12.90 16.73
C GLY A 72 2.67 11.91 15.83
N GLY A 73 3.71 12.36 15.11
CA GLY A 73 4.35 11.53 14.13
C GLY A 73 3.42 11.06 12.99
N GLU A 74 2.37 11.84 12.67
CA GLU A 74 1.37 11.39 11.68
C GLU A 74 1.40 11.96 10.24
N TRP A 75 2.51 12.58 9.80
CA TRP A 75 2.57 13.05 8.41
C TRP A 75 2.58 11.91 7.37
N PRO A 76 3.39 10.86 7.59
CA PRO A 76 3.31 9.67 6.70
C PRO A 76 1.90 9.13 6.67
N LEU A 77 1.30 8.90 7.84
CA LEU A 77 -0.08 8.40 7.84
C LEU A 77 -1.05 9.27 7.04
N PHE A 78 -1.13 10.56 7.35
CA PHE A 78 -2.14 11.41 6.77
C PHE A 78 -1.93 11.57 5.26
N LEU A 79 -0.68 11.78 4.88
CA LEU A 79 -0.36 11.99 3.47
C LEU A 79 -0.62 10.74 2.66
N ASP A 80 -0.21 9.56 3.17
CA ASP A 80 -0.45 8.31 2.41
C ASP A 80 -1.95 7.91 2.33
N VAL A 81 -2.76 8.29 3.35
CA VAL A 81 -4.21 8.05 3.27
C VAL A 81 -4.90 9.00 2.27
N PHE A 82 -4.66 10.30 2.39
CA PHE A 82 -5.40 11.34 1.68
C PHE A 82 -4.82 11.93 0.37
N ILE A 83 -3.52 11.72 0.16
CA ILE A 83 -2.75 12.34 -0.96
C ILE A 83 -2.07 11.30 -1.87
N GLU A 84 -1.55 10.18 -1.31
CA GLU A 84 -0.69 9.34 -2.17
C GLU A 84 -1.41 8.79 -3.44
N HIS A 85 -2.70 8.46 -3.34
CA HIS A 85 -3.37 7.85 -4.45
C HIS A 85 -3.22 8.72 -5.72
N SER A 86 -3.22 10.07 -5.61
CA SER A 86 -3.01 10.97 -6.81
C SER A 86 -1.58 10.90 -7.36
N VAL A 87 -0.61 10.70 -6.47
CA VAL A 87 0.78 10.60 -6.91
C VAL A 87 0.95 9.31 -7.73
N GLU A 88 0.29 8.23 -7.32
CA GLU A 88 0.31 6.97 -8.08
CA GLU A 88 0.34 6.99 -8.11
C GLU A 88 -0.45 7.15 -9.42
N GLU A 89 -1.60 7.81 -9.36
CA GLU A 89 -2.40 8.07 -10.59
C GLU A 89 -1.54 8.77 -11.68
N VAL A 90 -0.69 9.69 -11.28
CA VAL A 90 0.29 10.33 -12.18
C VAL A 90 1.26 9.32 -12.79
N LEU A 91 1.92 8.51 -11.95
CA LEU A 91 2.86 7.52 -12.39
C LEU A 91 2.21 6.48 -13.35
N ALA A 92 0.98 6.10 -13.05
CA ALA A 92 0.19 5.15 -13.85
C ALA A 92 0.01 5.49 -15.34
N ARG A 93 0.06 6.77 -15.68
CA ARG A 93 -0.07 7.22 -17.07
C ARG A 93 1.09 6.72 -17.92
N SER A 94 2.28 6.63 -17.31
CA SER A 94 3.49 6.26 -18.03
C SER A 94 3.68 4.74 -18.19
N ARG A 95 2.84 3.96 -17.52
CA ARG A 95 3.07 2.53 -17.41
C ARG A 95 2.01 1.68 -18.10
N LYS A 96 2.44 0.56 -18.67
CA LYS A 96 1.52 -0.36 -19.37
C LYS A 96 1.34 -1.74 -18.73
N GLY A 97 2.20 -2.06 -17.73
CA GLY A 97 2.17 -3.35 -17.06
C GLY A 97 1.08 -3.45 -16.00
N THR A 98 1.29 -4.31 -14.98
CA THR A 98 0.34 -4.49 -13.86
C THR A 98 0.06 -3.16 -13.21
N MET A 99 -1.19 -2.90 -12.83
CA MET A 99 -1.56 -1.65 -12.16
C MET A 99 -0.74 -1.45 -10.88
N GLY A 100 -0.36 -0.20 -10.60
CA GLY A 100 0.23 0.14 -9.30
C GLY A 100 -0.88 0.52 -8.29
N SER A 101 -0.49 0.71 -7.03
CA SER A 101 -1.30 1.32 -5.97
C SER A 101 -0.30 2.00 -5.02
N ILE A 102 -0.79 2.63 -3.97
CA ILE A 102 0.07 3.35 -3.06
C ILE A 102 0.95 2.36 -2.25
N GLU A 103 2.21 2.73 -1.97
CA GLU A 103 3.03 2.11 -0.92
C GLU A 103 2.39 2.07 0.49
N GLY A 104 2.00 3.25 0.99
CA GLY A 104 1.59 3.33 2.36
C GLY A 104 2.87 3.46 3.20
N PRO A 105 2.70 3.64 4.51
CA PRO A 105 3.86 3.99 5.34
C PRO A 105 4.62 2.83 5.98
N TYR A 106 4.39 1.59 5.53
CA TYR A 106 4.92 0.43 6.26
C TYR A 106 5.94 -0.50 5.55
N TYR A 107 6.39 -0.08 4.38
CA TYR A 107 7.32 -0.82 3.61
C TYR A 107 8.66 -0.76 4.34
N ILE A 108 9.34 -1.89 4.42
CA ILE A 108 10.74 -1.93 4.89
C ILE A 108 11.66 -2.65 3.91
N GLU A 109 12.77 -1.99 3.57
CA GLU A 109 13.73 -2.54 2.62
C GLU A 109 14.55 -3.67 3.24
N ASN A 110 15.10 -4.50 2.35
CA ASN A 110 15.99 -5.61 2.71
C ASN A 110 15.35 -6.67 3.65
N SER A 111 14.05 -6.96 3.46
CA SER A 111 13.42 -8.10 4.16
C SER A 111 14.13 -9.39 3.66
N PRO A 112 14.33 -10.39 4.56
CA PRO A 112 15.10 -11.61 4.27
C PRO A 112 14.57 -12.39 3.06
N GLU A 113 15.48 -12.84 2.21
CA GLU A 113 15.10 -13.57 1.00
C GLU A 113 14.55 -14.96 1.29
N LEU A 114 13.59 -15.38 0.46
CA LEU A 114 13.01 -16.70 0.60
C LEU A 114 13.02 -17.34 -0.78
N PRO A 115 13.16 -18.69 -0.84
CA PRO A 115 13.12 -19.36 -2.13
C PRO A 115 11.73 -19.21 -2.78
N SER A 116 11.67 -19.48 -4.09
CA SER A 116 10.46 -19.27 -4.93
C SER A 116 9.15 -19.92 -4.47
N LYS A 117 9.25 -21.09 -3.82
CA LYS A 117 8.14 -21.70 -3.08
C LYS A 117 8.58 -21.63 -1.64
N CYS A 118 7.79 -20.91 -0.83
CA CYS A 118 8.09 -20.58 0.56
C CYS A 118 6.80 -20.30 1.35
N THR A 119 6.96 -20.13 2.66
CA THR A 119 5.92 -19.60 3.53
C THR A 119 6.56 -18.38 4.18
N LEU A 120 5.79 -17.30 4.37
CA LEU A 120 6.31 -16.11 5.07
C LEU A 120 6.54 -16.40 6.55
N PRO A 121 7.51 -15.72 7.18
CA PRO A 121 7.66 -15.86 8.64
C PRO A 121 6.38 -15.45 9.38
N MET A 122 5.99 -16.26 10.36
CA MET A 122 4.79 -15.97 11.16
C MET A 122 4.83 -16.64 12.54
N ARG A 123 4.02 -16.12 13.46
CA ARG A 123 3.85 -16.63 14.83
C ARG A 123 2.84 -17.79 14.88
N GLU A 124 2.89 -18.55 15.97
CA GLU A 124 1.84 -19.57 16.28
C GLU A 124 0.41 -19.05 16.12
N GLU A 125 0.13 -17.86 16.63
CA GLU A 125 -1.20 -17.24 16.50
C GLU A 125 -1.58 -17.03 15.05
N ASP A 126 -0.61 -16.61 14.24
CA ASP A 126 -0.86 -16.40 12.82
C ASP A 126 -1.23 -17.73 12.16
N GLU A 127 -0.55 -18.80 12.58
CA GLU A 127 -0.85 -20.14 12.06
C GLU A 127 -2.32 -20.51 12.19
N LYS A 128 -2.99 -19.98 13.22
CA LYS A 128 -4.42 -20.28 13.41
C LYS A 128 -5.37 -19.68 12.34
N ILE A 129 -4.85 -18.81 11.48
CA ILE A 129 -5.67 -18.14 10.44
C ILE A 129 -5.76 -18.98 9.17
N THR A 130 -6.88 -18.93 8.47
CA THR A 130 -6.99 -19.62 7.19
C THR A 130 -5.79 -19.26 6.31
N PRO A 131 -5.09 -20.27 5.76
CA PRO A 131 -3.96 -20.01 4.86
C PRO A 131 -4.36 -19.37 3.56
N LEU A 132 -3.41 -18.63 2.97
CA LEU A 132 -3.57 -18.15 1.60
C LEU A 132 -2.35 -18.55 0.79
N VAL A 133 -2.60 -19.26 -0.32
CA VAL A 133 -1.56 -19.74 -1.23
C VAL A 133 -1.59 -18.97 -2.53
N PHE A 134 -0.52 -18.21 -2.76
CA PHE A 134 -0.45 -17.17 -3.80
C PHE A 134 0.56 -17.61 -4.86
N SER A 135 0.07 -17.95 -6.06
CA SER A 135 0.88 -18.46 -7.18
C SER A 135 0.87 -17.53 -8.39
N GLY A 136 1.95 -17.55 -9.18
CA GLY A 136 1.99 -16.73 -10.37
C GLY A 136 3.35 -16.64 -11.04
N GLN A 137 3.46 -15.71 -11.98
CA GLN A 137 4.66 -15.54 -12.80
C GLN A 137 4.91 -14.07 -13.13
N VAL A 138 6.15 -13.64 -12.96
CA VAL A 138 6.62 -12.33 -13.40
C VAL A 138 7.04 -12.37 -14.87
N THR A 139 6.32 -11.62 -15.70
CA THR A 139 6.61 -11.58 -17.12
C THR A 139 6.92 -10.16 -17.58
N ASP A 140 7.46 -10.05 -18.79
CA ASP A 140 7.56 -8.77 -19.48
C ASP A 140 6.26 -8.46 -20.24
N LEU A 141 6.20 -7.33 -20.94
CA LEU A 141 4.96 -6.85 -21.57
C LEU A 141 4.40 -7.84 -22.61
N ASP A 142 5.32 -8.55 -23.25
CA ASP A 142 5.01 -9.65 -24.17
C ASP A 142 4.73 -11.04 -23.51
N GLY A 143 4.67 -11.11 -22.18
CA GLY A 143 4.31 -12.34 -21.46
C GLY A 143 5.39 -13.40 -21.33
N ASN A 144 6.62 -13.07 -21.70
CA ASN A 144 7.77 -13.93 -21.48
C ASN A 144 8.27 -13.89 -20.02
N GLY A 145 8.55 -15.05 -19.43
CA GLY A 145 8.94 -15.17 -18.02
C GLY A 145 10.34 -14.63 -17.78
N LEU A 146 10.56 -14.02 -16.61
CA LEU A 146 11.80 -13.28 -16.32
C LEU A 146 12.64 -13.91 -15.24
N ALA A 147 13.90 -14.18 -15.59
CA ALA A 147 14.92 -14.59 -14.64
C ALA A 147 15.38 -13.42 -13.76
N GLY A 148 15.89 -13.73 -12.57
CA GLY A 148 16.28 -12.72 -11.58
C GLY A 148 15.18 -11.86 -10.92
N ALA A 149 13.91 -12.25 -11.07
CA ALA A 149 12.79 -11.41 -10.58
C ALA A 149 12.59 -11.62 -9.10
N LYS A 150 12.24 -10.56 -8.36
CA LYS A 150 11.96 -10.70 -6.94
C LYS A 150 10.60 -10.12 -6.58
N VAL A 151 9.90 -10.76 -5.66
CA VAL A 151 8.60 -10.26 -5.11
C VAL A 151 8.77 -9.91 -3.62
N GLU A 152 8.63 -8.64 -3.28
CA GLU A 152 8.77 -8.24 -1.87
C GLU A 152 7.35 -8.10 -1.36
N LEU A 153 6.99 -8.91 -0.37
CA LEU A 153 5.63 -8.92 0.14
C LEU A 153 5.65 -8.47 1.59
N TRP A 154 4.66 -7.64 1.95
CA TRP A 154 4.38 -7.30 3.36
C TRP A 154 2.87 -7.04 3.54
N HIS A 155 2.38 -7.43 4.71
CA HIS A 155 0.94 -7.26 4.98
C HIS A 155 0.63 -7.27 6.48
N ALA A 156 -0.59 -6.87 6.85
CA ALA A 156 -1.02 -6.90 8.27
C ALA A 156 -1.42 -8.28 8.81
N ASP A 157 -1.23 -8.48 10.11
CA ASP A 157 -1.71 -9.69 10.76
C ASP A 157 -3.23 -9.56 11.05
N ASN A 158 -3.85 -10.61 11.58
CA ASN A 158 -5.29 -10.61 11.85
C ASN A 158 -5.76 -9.58 12.87
N ASP A 159 -4.83 -9.06 13.67
CA ASP A 159 -5.15 -7.95 14.56
C ASP A 159 -5.04 -6.56 13.90
N GLY A 160 -4.60 -6.53 12.64
CA GLY A 160 -4.34 -5.24 11.91
C GLY A 160 -2.95 -4.61 12.21
N TYR A 161 -2.01 -5.41 12.70
CA TYR A 161 -0.67 -4.93 13.02
C TYR A 161 0.39 -5.31 12.01
N TYR A 162 1.30 -4.38 11.74
CA TYR A 162 2.46 -4.59 10.85
C TYR A 162 3.75 -4.71 11.69
N SER A 163 4.60 -5.68 11.38
CA SER A 163 5.88 -5.85 12.07
C SER A 163 6.79 -4.62 11.89
N GLN A 164 7.58 -4.35 12.93
CA GLN A 164 8.32 -3.09 13.03
C GLN A 164 7.45 -1.85 13.28
N PHE A 165 6.13 -2.02 13.37
CA PHE A 165 5.25 -0.93 13.77
C PHE A 165 4.27 -1.41 14.82
N ALA A 166 4.73 -2.38 15.61
CA ALA A 166 4.09 -2.95 16.79
C ALA A 166 5.18 -3.72 17.57
N PRO A 167 5.60 -3.20 18.72
CA PRO A 167 6.77 -3.84 19.40
C PRO A 167 6.62 -5.32 19.79
N HIS A 168 5.39 -5.84 19.91
CA HIS A 168 5.20 -7.24 20.30
C HIS A 168 5.55 -8.28 19.23
N LEU A 169 5.68 -7.84 17.97
CA LEU A 169 5.85 -8.74 16.87
C LEU A 169 7.33 -8.91 16.53
N PRO A 170 7.74 -10.13 16.11
CA PRO A 170 9.06 -10.33 15.49
C PRO A 170 9.30 -9.40 14.27
N GLU A 171 10.55 -8.94 14.12
CA GLU A 171 10.82 -7.83 13.22
C GLU A 171 10.38 -8.08 11.77
N TRP A 172 10.27 -9.34 11.37
CA TRP A 172 9.92 -9.69 10.01
C TRP A 172 8.64 -10.50 9.87
N ASN A 173 7.71 -10.34 10.81
CA ASN A 173 6.44 -11.04 10.72
C ASN A 173 5.74 -10.63 9.41
N LEU A 174 5.39 -11.62 8.60
CA LEU A 174 4.63 -11.45 7.35
C LEU A 174 5.32 -10.49 6.37
N ARG A 175 6.66 -10.63 6.29
CA ARG A 175 7.51 -9.85 5.38
C ARG A 175 8.57 -10.76 4.75
N GLY A 176 8.79 -10.63 3.44
CA GLY A 176 9.89 -11.38 2.85
C GLY A 176 10.23 -10.90 1.45
N THR A 177 11.46 -11.17 1.04
CA THR A 177 11.89 -10.96 -0.37
C THR A 177 11.92 -12.33 -1.08
N ILE A 178 10.91 -12.58 -1.94
CA ILE A 178 10.78 -13.89 -2.60
C ILE A 178 11.61 -13.92 -3.89
N ILE A 179 12.54 -14.88 -3.95
CA ILE A 179 13.38 -15.08 -5.14
C ILE A 179 12.65 -15.98 -6.17
N ALA A 180 12.13 -15.38 -7.23
CA ALA A 180 11.44 -16.15 -8.28
C ALA A 180 12.39 -17.13 -8.97
N ASP A 181 11.83 -18.16 -9.61
CA ASP A 181 12.66 -19.20 -10.22
C ASP A 181 13.22 -18.72 -11.57
N GLU A 182 13.80 -19.63 -12.35
CA GLU A 182 14.39 -19.25 -13.65
C GLU A 182 13.32 -18.81 -14.63
N GLU A 183 12.09 -19.31 -14.42
CA GLU A 183 10.94 -18.98 -15.25
C GLU A 183 10.13 -17.80 -14.72
N GLY A 184 10.63 -17.14 -13.68
CA GLY A 184 9.92 -16.02 -13.03
C GLY A 184 8.76 -16.42 -12.12
N ARG A 185 8.66 -17.72 -11.81
CA ARG A 185 7.51 -18.26 -11.03
C ARG A 185 7.70 -18.27 -9.50
N TYR A 186 6.58 -18.32 -8.77
CA TYR A 186 6.57 -18.24 -7.30
C TYR A 186 5.33 -18.96 -6.74
N GLU A 187 5.45 -19.54 -5.54
CA GLU A 187 4.28 -20.07 -4.80
C GLU A 187 4.41 -19.70 -3.34
N ILE A 188 3.73 -18.64 -2.93
CA ILE A 188 3.93 -18.05 -1.62
C ILE A 188 2.71 -18.32 -0.76
N THR A 189 2.92 -19.03 0.33
CA THR A 189 1.84 -19.28 1.31
C THR A 189 1.97 -18.32 2.52
N THR A 190 0.83 -17.76 2.95
CA THR A 190 0.78 -16.80 4.03
C THR A 190 -0.59 -16.96 4.73
N ILE A 191 -0.99 -15.99 5.55
CA ILE A 191 -2.36 -15.96 6.12
C ILE A 191 -3.29 -15.08 5.24
N GLN A 192 -4.59 -15.38 5.26
CA GLN A 192 -5.53 -14.62 4.45
C GLN A 192 -5.78 -13.24 5.11
N PRO A 193 -5.40 -12.14 4.42
CA PRO A 193 -5.55 -10.82 5.05
C PRO A 193 -6.99 -10.47 5.45
N ALA A 194 -7.11 -9.59 6.45
CA ALA A 194 -8.38 -9.12 6.99
C ALA A 194 -8.40 -7.58 6.96
N PRO A 195 -9.62 -6.97 6.90
CA PRO A 195 -9.69 -5.51 6.96
C PRO A 195 -9.10 -4.99 8.28
N TYR A 196 -8.73 -3.72 8.33
CA TYR A 196 -8.29 -3.13 9.60
C TYR A 196 -8.62 -1.63 9.63
N GLN A 197 -8.56 -1.06 10.82
CA GLN A 197 -8.72 0.39 10.96
C GLN A 197 -7.35 1.02 11.02
N ILE A 198 -7.17 2.15 10.32
CA ILE A 198 -5.95 2.92 10.52
C ILE A 198 -5.93 3.48 11.97
N PRO A 199 -4.74 3.88 12.48
CA PRO A 199 -4.62 4.45 13.83
C PRO A 199 -5.59 5.62 14.04
N THR A 200 -6.44 5.55 15.06
CA THR A 200 -7.47 6.59 15.26
C THR A 200 -7.36 7.35 16.59
N ASP A 201 -6.29 7.15 17.36
CA ASP A 201 -6.17 7.83 18.65
C ASP A 201 -5.43 9.17 18.58
N GLY A 202 -5.21 9.67 17.36
CA GLY A 202 -4.47 10.91 17.14
C GLY A 202 -5.23 11.85 16.21
N PRO A 203 -4.50 12.80 15.57
CA PRO A 203 -5.12 13.90 14.79
C PRO A 203 -5.84 13.40 13.52
N THR A 204 -5.39 12.28 12.98
CA THR A 204 -6.00 11.74 11.77
C THR A 204 -7.37 11.12 12.11
N GLY A 205 -7.44 10.35 13.20
CA GLY A 205 -8.72 9.80 13.65
C GLY A 205 -9.71 10.87 14.08
N GLN A 206 -9.20 11.87 14.77
CA GLN A 206 -9.96 13.10 15.07
C GLN A 206 -10.56 13.80 13.84
N PHE A 207 -9.73 14.03 12.82
CA PHE A 207 -10.18 14.58 11.54
C PHE A 207 -11.36 13.78 10.95
N ILE A 208 -11.19 12.47 10.83
CA ILE A 208 -12.20 11.52 10.35
C ILE A 208 -13.47 11.50 11.25
N GLU A 209 -13.31 11.46 12.56
CA GLU A 209 -14.46 11.46 13.50
C GLU A 209 -15.28 12.79 13.48
N ALA A 210 -14.60 13.92 13.42
CA ALA A 210 -15.29 15.22 13.27
C ALA A 210 -16.09 15.40 11.96
N GLN A 211 -15.81 14.60 10.93
CA GLN A 211 -16.64 14.68 9.71
C GLN A 211 -17.64 13.52 9.49
N ASN A 212 -17.81 12.69 10.51
CA ASN A 212 -18.60 11.45 10.41
C ASN A 212 -18.12 10.45 9.34
N GLY A 213 -16.81 10.33 9.16
CA GLY A 213 -16.19 9.35 8.23
C GLY A 213 -15.96 8.01 8.92
N HIS A 214 -15.29 7.09 8.23
CA HIS A 214 -14.89 5.82 8.85
C HIS A 214 -13.36 5.59 8.62
N PRO A 215 -12.70 4.81 9.48
CA PRO A 215 -11.26 4.71 9.27
C PRO A 215 -10.72 3.37 8.66
N TRP A 216 -11.53 2.65 7.86
CA TRP A 216 -11.24 1.24 7.46
C TRP A 216 -10.55 1.13 6.12
N ARG A 217 -9.52 0.26 6.03
CA ARG A 217 -9.08 -0.22 4.72
C ARG A 217 -9.55 -1.65 4.53
N PRO A 218 -9.94 -1.98 3.29
CA PRO A 218 -10.17 -3.36 2.93
C PRO A 218 -8.98 -4.27 3.20
N ALA A 219 -9.24 -5.57 3.18
CA ALA A 219 -8.20 -6.62 3.24
C ALA A 219 -7.25 -6.51 2.04
N HIS A 220 -5.94 -6.62 2.29
CA HIS A 220 -5.01 -6.45 1.17
C HIS A 220 -3.63 -7.01 1.43
N LEU A 221 -2.96 -7.43 0.36
CA LEU A 221 -1.51 -7.60 0.29
C LEU A 221 -0.81 -6.38 -0.28
N HIS A 222 0.40 -6.06 0.27
CA HIS A 222 1.33 -5.06 -0.33
C HIS A 222 2.46 -5.79 -1.08
N LEU A 223 2.84 -5.36 -2.31
CA LEU A 223 3.98 -5.99 -2.99
C LEU A 223 4.81 -5.03 -3.84
N ILE A 224 6.13 -5.25 -3.84
CA ILE A 224 7.06 -4.58 -4.79
C ILE A 224 7.78 -5.63 -5.66
N VAL A 225 7.55 -5.56 -6.97
CA VAL A 225 8.03 -6.60 -7.89
C VAL A 225 9.10 -6.01 -8.83
N SER A 226 10.19 -6.73 -9.03
CA SER A 226 11.39 -6.22 -9.74
C SER A 226 12.00 -7.29 -10.65
N ALA A 227 12.84 -6.85 -11.64
CA ALA A 227 13.63 -7.79 -12.42
C ALA A 227 14.78 -7.05 -13.17
N PRO A 228 15.90 -7.75 -13.47
CA PRO A 228 17.04 -7.02 -14.05
C PRO A 228 16.60 -6.17 -15.24
N GLY A 229 16.94 -4.89 -15.20
CA GLY A 229 16.63 -3.98 -16.31
C GLY A 229 15.15 -3.73 -16.55
N LYS A 230 14.34 -3.91 -15.52
CA LYS A 230 12.89 -3.69 -15.60
C LYS A 230 12.46 -2.49 -14.73
N GLU A 231 11.35 -1.84 -15.05
CA GLU A 231 10.75 -0.84 -14.15
C GLU A 231 9.99 -1.60 -13.04
N SER A 232 10.39 -1.39 -11.81
CA SER A 232 9.72 -2.00 -10.64
C SER A 232 8.27 -1.51 -10.52
N VAL A 233 7.41 -2.31 -9.88
CA VAL A 233 6.01 -1.91 -9.62
C VAL A 233 5.64 -2.07 -8.16
N THR A 234 5.17 -0.98 -7.56
CA THR A 234 4.58 -1.00 -6.22
C THR A 234 3.08 -1.11 -6.39
N THR A 235 2.43 -2.00 -5.62
CA THR A 235 1.01 -2.34 -5.82
C THR A 235 0.37 -3.02 -4.58
N GLN A 236 -0.92 -3.28 -4.68
CA GLN A 236 -1.71 -3.92 -3.61
C GLN A 236 -2.70 -4.84 -4.26
N LEU A 237 -3.10 -5.91 -3.55
CA LEU A 237 -4.07 -6.81 -4.12
C LEU A 237 -5.15 -7.04 -3.08
N TYR A 238 -6.40 -7.01 -3.55
CA TYR A 238 -7.62 -7.06 -2.68
C TYR A 238 -8.48 -8.29 -2.97
N PHE A 239 -9.58 -8.47 -2.24
CA PHE A 239 -10.28 -9.76 -2.19
C PHE A 239 -11.79 -9.62 -2.45
N LYS A 240 -12.25 -10.32 -3.47
CA LYS A 240 -13.63 -10.18 -3.99
C LYS A 240 -14.70 -10.26 -2.91
N GLY A 241 -15.62 -9.30 -2.89
CA GLY A 241 -16.71 -9.28 -1.90
C GLY A 241 -16.34 -8.82 -0.51
N GLY A 242 -15.07 -8.42 -0.33
CA GLY A 242 -14.59 -8.06 0.99
C GLY A 242 -15.21 -6.73 1.42
N GLU A 243 -15.35 -6.56 2.72
CA GLU A 243 -15.84 -5.30 3.29
C GLU A 243 -14.87 -4.16 2.95
N TRP A 244 -15.45 -2.99 2.72
CA TRP A 244 -14.72 -1.72 2.65
C TRP A 244 -14.01 -1.54 1.30
N ILE A 245 -14.22 -2.42 0.33
CA ILE A 245 -13.55 -2.22 -0.97
C ILE A 245 -14.10 -1.01 -1.72
N ASP A 246 -15.38 -0.70 -1.50
CA ASP A 246 -16.02 0.38 -2.26
C ASP A 246 -15.87 1.71 -1.51
N SER A 247 -15.38 1.64 -0.26
CA SER A 247 -15.30 2.80 0.64
C SER A 247 -13.95 2.84 1.41
N ASP A 248 -12.86 2.53 0.71
CA ASP A 248 -11.52 2.58 1.29
C ASP A 248 -11.22 4.02 1.79
N VAL A 249 -10.74 4.17 3.02
CA VAL A 249 -10.40 5.52 3.48
C VAL A 249 -9.24 6.13 2.63
N ALA A 250 -8.42 5.27 2.01
CA ALA A 250 -7.20 5.72 1.29
C ALA A 250 -7.44 5.86 -0.20
N SER A 251 -8.68 5.56 -0.63
CA SER A 251 -9.02 5.65 -2.07
C SER A 251 -8.01 4.93 -3.00
N ALA A 252 -7.54 3.75 -2.56
CA ALA A 252 -6.38 3.04 -3.17
C ALA A 252 -6.76 1.74 -3.89
N THR A 253 -8.05 1.38 -3.90
CA THR A 253 -8.47 0.15 -4.57
C THR A 253 -8.74 0.41 -6.06
N LYS A 254 -8.45 -0.57 -6.90
CA LYS A 254 -8.79 -0.50 -8.34
C LYS A 254 -9.42 -1.85 -8.73
N PRO A 255 -10.45 -1.85 -9.61
CA PRO A 255 -11.11 -3.08 -10.06
C PRO A 255 -10.15 -4.16 -10.56
N GLU A 256 -9.10 -3.77 -11.28
CA GLU A 256 -8.13 -4.70 -11.85
C GLU A 256 -7.26 -5.38 -10.78
N LEU A 257 -7.37 -4.95 -9.52
CA LEU A 257 -6.49 -5.50 -8.47
C LEU A 257 -7.25 -6.32 -7.39
N ILE A 258 -8.48 -6.73 -7.72
CA ILE A 258 -9.30 -7.55 -6.80
C ILE A 258 -9.13 -9.06 -7.11
N LEU A 259 -8.61 -9.83 -6.14
CA LEU A 259 -8.40 -11.29 -6.31
C LEU A 259 -9.67 -12.13 -6.01
N ASP A 260 -9.79 -13.28 -6.67
CA ASP A 260 -10.92 -14.18 -6.37
C ASP A 260 -10.44 -15.56 -5.99
N PRO A 261 -9.91 -15.72 -4.76
CA PRO A 261 -9.41 -17.02 -4.29
C PRO A 261 -10.48 -18.11 -4.16
N LYS A 262 -10.11 -19.34 -4.53
CA LYS A 262 -11.03 -20.45 -4.43
C LYS A 262 -10.58 -21.31 -3.27
N THR A 263 -11.53 -21.76 -2.45
CA THR A 263 -11.20 -22.58 -1.29
C THR A 263 -10.98 -24.07 -1.60
N GLY A 264 -9.90 -24.63 -1.05
CA GLY A 264 -9.55 -26.03 -1.26
C GLY A 264 -10.33 -26.96 -0.34
N ASP A 265 -10.14 -28.27 -0.53
CA ASP A 265 -10.74 -29.28 0.35
C ASP A 265 -9.90 -29.41 1.61
N ASP A 266 -8.69 -28.88 1.54
CA ASP A 266 -7.88 -28.68 2.72
C ASP A 266 -8.32 -27.43 3.51
N GLY A 267 -9.31 -26.70 2.99
CA GLY A 267 -9.78 -25.44 3.59
C GLY A 267 -8.89 -24.21 3.43
N LYS A 268 -7.90 -24.29 2.54
CA LYS A 268 -7.01 -23.15 2.28
C LYS A 268 -7.50 -22.33 1.08
N ASN A 269 -7.21 -21.04 1.08
CA ASN A 269 -7.56 -20.19 -0.07
C ASN A 269 -6.45 -20.22 -1.14
N TYR A 270 -6.84 -20.47 -2.39
CA TYR A 270 -5.91 -20.55 -3.51
C TYR A 270 -6.16 -19.50 -4.56
N VAL A 271 -5.08 -18.87 -5.03
CA VAL A 271 -5.19 -17.84 -6.07
C VAL A 271 -3.91 -17.74 -6.93
N THR A 272 -4.10 -17.48 -8.23
CA THR A 272 -3.01 -17.25 -9.18
C THR A 272 -3.12 -15.85 -9.74
N TYR A 273 -1.97 -15.16 -9.76
CA TYR A 273 -1.91 -13.82 -10.22
C TYR A 273 -0.52 -13.56 -10.81
N ASN A 274 -0.49 -13.01 -12.01
CA ASN A 274 0.76 -12.73 -12.69
C ASN A 274 1.16 -11.25 -12.60
N PHE A 275 2.46 -10.98 -12.46
CA PHE A 275 2.97 -9.61 -12.59
C PHE A 275 3.57 -9.35 -13.99
N VAL A 276 3.35 -8.13 -14.49
CA VAL A 276 3.74 -7.69 -15.85
C VAL A 276 4.55 -6.38 -15.76
N LEU A 277 5.86 -6.43 -16.05
CA LEU A 277 6.75 -5.28 -15.85
C LEU A 277 7.19 -4.52 -17.11
N ASP A 278 7.13 -3.19 -17.04
CA ASP A 278 7.61 -2.29 -18.08
C ASP A 278 9.13 -2.28 -18.13
N PRO A 279 9.72 -2.03 -19.32
CA PRO A 279 11.18 -1.91 -19.35
C PRO A 279 11.64 -0.63 -18.65
N ALA A 280 12.81 -0.69 -17.99
CA ALA A 280 13.43 0.52 -17.40
C ALA A 280 13.89 1.53 -18.45
FE FE B . -1.61 -1.89 4.44
C CO3 C . -2.12 -5.68 4.82
O1 CO3 C . -1.90 -6.87 4.36
O2 CO3 C . -1.59 -4.63 4.36
O3 CO3 C . -2.89 -5.53 5.80
C24 6PL D . -0.05 19.63 -3.93
C23 6PL D . 1.28 19.36 -3.22
C22 6PL D . 2.35 18.83 -4.18
C21 6PL D . 3.58 19.71 -4.11
C20 6PL D . 4.84 18.89 -4.04
C19 6PL D . 5.96 19.56 -4.80
C18 6PL D . 7.31 19.12 -4.25
C17 6PL D . 8.42 19.46 -5.23
C16 6PL D . 9.37 20.43 -4.57
C15 6PL D . 10.81 19.98 -4.72
C14 6PL D . 11.67 21.20 -5.02
C13 6PL D . 12.48 21.62 -3.82
C12 6PL D . 13.92 21.94 -4.22
C11 6PL D . 14.60 20.67 -4.64
O11 6PL D . 14.09 19.97 -5.49
O3 6PL D . 15.85 20.25 -4.04
C3 6PL D . 15.63 19.25 -3.05
C2 6PL D . 15.71 19.86 -1.67
C1 6PL D . 16.30 18.85 -0.70
O3P 6PL D . 17.47 19.42 -0.12
P 6PL D . 17.56 19.07 1.44
O2 6PL D . 14.41 20.24 -1.27
C31 6PL D . 14.39 21.06 -0.06
O31 6PL D . 14.59 20.53 1.00
C32 6PL D . 14.14 22.54 -0.13
C33 6PL D . 12.83 22.85 -0.84
C34 6PL D . 11.61 22.29 -0.12
C35 6PL D . 10.35 22.91 -0.73
C36 6PL D . 9.17 21.92 -0.77
C37 6PL D . 7.88 22.64 -0.45
C38 6PL D . 6.69 22.18 -1.29
C39 6PL D . 5.39 22.76 -0.70
C40 6PL D . 4.42 23.28 -1.76
C41 6PL D . 2.97 23.06 -1.31
C42 6PL D . 2.40 24.26 -0.58
C43 6PL D . 0.99 23.94 -0.05
C44 6PL D . 0.99 22.79 0.97
C45 6PL D . -0.26 22.79 1.86
C46 6PL D . -0.06 23.68 3.09
C47 6PL D . -1.03 23.32 4.22
C48 6PL D . -1.62 24.66 4.62
C BEZ E . -1.78 0.61 4.30
O1 BEZ E . -1.21 -0.38 5.13
O2 BEZ E . -2.24 0.18 3.16
C1 BEZ E . -1.93 2.05 4.71
C2 BEZ E . -2.02 2.39 6.06
C3 BEZ E . -2.21 3.75 6.42
C4 BEZ E . -2.31 4.74 5.44
C5 BEZ E . -2.23 4.37 4.08
C6 BEZ E . -2.05 3.04 3.72
#